data_5HML
#
_entry.id   5HML
#
_cell.length_a   47.380
_cell.length_b   58.380
_cell.length_c   59.720
_cell.angle_alpha   66.530
_cell.angle_beta   79.480
_cell.angle_gamma   73.710
#
_symmetry.space_group_name_H-M   'P 1'
#
loop_
_entity.id
_entity.type
_entity.pdbx_description
1 polymer Exodeoxyribonuclease
2 non-polymer 'MAGNESIUM ION'
3 non-polymer 'CHLORIDE ION'
4 non-polymer 1,2-ETHANEDIOL
5 non-polymer 2-[3-(2-HYDROXY-1,1-DIHYDROXYMETHYL-ETHYLAMINO)-PROPYLAMINO]-2-HYDROXYMETHYL-PROPANE-1,3-DIOL
6 non-polymer 'IODIDE ION'
7 water water
#
_entity_poly.entity_id   1
_entity_poly.type   'polypeptide(L)'
_entity_poly.pdbx_seq_one_letter_code
;RNLMIVDGTNLGFRFKHNNSKKPFASSYVSTIQSLAKSYSARTTIVLGDKGKSVFRLEHLPEYKGNRDEKYAQRTEEEKA
LDEQFFEYLKDAFELCKTTFPTFTIRGVEADDMAAYIVKLIGHLYDHVWLISTKGDWDTLLTDKVSRFSFTTRREYHLRD
MYEHHNVDDVEQFISLKAIMGDLGDNIRGVEGIGAKRGYNIIREFGNVLDIIDQLPLPGKQKYIQNLNASEELLFRNLIL
VDLPTYCVDAIAAVGQDVLDKFTKDILEIAEQ
;
_entity_poly.pdbx_strand_id   A,B
#
# COMPACT_ATOMS: atom_id res chain seq x y z
N ARG A 1 -29.42 2.91 -7.89
CA ARG A 1 -28.67 4.19 -7.97
C ARG A 1 -27.54 4.37 -6.91
N ASN A 2 -27.58 3.65 -5.79
CA ASN A 2 -26.56 3.75 -4.71
C ASN A 2 -25.49 2.64 -4.71
N LEU A 3 -24.40 2.92 -4.01
CA LEU A 3 -23.39 1.90 -3.66
C LEU A 3 -23.57 1.50 -2.21
N MET A 4 -23.57 0.20 -1.95
CA MET A 4 -23.59 -0.32 -0.58
C MET A 4 -22.33 -1.14 -0.31
N ILE A 5 -21.63 -0.79 0.75
CA ILE A 5 -20.44 -1.47 1.19
C ILE A 5 -20.70 -2.09 2.54
N VAL A 6 -20.57 -3.40 2.61
CA VAL A 6 -20.87 -4.16 3.79
C VAL A 6 -19.61 -4.59 4.51
N ASP A 7 -19.56 -4.25 5.80
CA ASP A 7 -18.56 -4.72 6.74
C ASP A 7 -19.03 -6.13 7.13
N GLY A 8 -18.55 -7.10 6.36
CA GLY A 8 -19.09 -8.48 6.39
C GLY A 8 -18.77 -9.29 7.63
N THR A 9 -17.56 -9.16 8.15
CA THR A 9 -17.24 -9.84 9.41
C THR A 9 -18.08 -9.24 10.54
N ASN A 10 -18.17 -7.91 10.54
CA ASN A 10 -19.01 -7.16 11.48
C ASN A 10 -20.49 -7.64 11.44
N LEU A 11 -21.02 -7.79 10.24
CA LEU A 11 -22.38 -8.33 10.04
C LEU A 11 -22.51 -9.74 10.60
N GLY A 12 -21.49 -10.56 10.40
CA GLY A 12 -21.48 -11.91 10.94
C GLY A 12 -21.65 -12.00 12.46
N PHE A 13 -21.08 -11.02 13.16
CA PHE A 13 -21.24 -10.90 14.59
C PHE A 13 -22.65 -10.50 14.99
N ARG A 14 -23.47 -10.10 14.01
CA ARG A 14 -24.83 -9.60 14.29
C ARG A 14 -25.49 -10.50 15.28
N PHE A 15 -25.47 -11.77 14.95
CA PHE A 15 -26.01 -12.79 15.81
C PHE A 15 -24.93 -13.83 16.11
N LYS A 16 -23.83 -13.35 16.69
CA LYS A 16 -22.63 -14.14 17.00
C LYS A 16 -22.94 -15.40 17.79
N HIS A 17 -23.73 -15.22 18.86
CA HIS A 17 -24.11 -16.33 19.75
C HIS A 17 -24.85 -17.44 18.99
N ASN A 18 -25.85 -17.02 18.21
CA ASN A 18 -26.63 -17.91 17.37
C ASN A 18 -25.81 -18.47 16.19
N ASN A 19 -24.98 -17.61 15.63
CA ASN A 19 -24.19 -17.93 14.44
C ASN A 19 -22.98 -18.83 14.72
N SER A 20 -22.68 -19.04 16.00
CA SER A 20 -21.66 -19.99 16.44
C SER A 20 -22.20 -21.42 16.55
N LYS A 21 -23.52 -21.55 16.77
CA LYS A 21 -24.18 -22.86 16.97
C LYS A 21 -24.77 -23.50 15.70
N LYS A 22 -25.55 -22.72 14.94
CA LYS A 22 -26.17 -23.21 13.69
C LYS A 22 -25.69 -22.44 12.45
N PRO A 23 -25.58 -23.14 11.30
CA PRO A 23 -25.18 -22.47 10.06
C PRO A 23 -26.11 -21.29 9.73
N PHE A 24 -25.52 -20.22 9.21
CA PHE A 24 -26.25 -19.00 8.89
C PHE A 24 -26.02 -18.41 7.51
N ALA A 25 -25.32 -19.16 6.64
CA ALA A 25 -24.98 -18.68 5.31
C ALA A 25 -26.22 -18.15 4.54
N SER A 26 -27.31 -18.92 4.51
CA SER A 26 -28.47 -18.47 3.73
C SER A 26 -29.12 -17.20 4.30
N SER A 27 -29.24 -17.16 5.62
CA SER A 27 -29.76 -15.99 6.35
C SER A 27 -28.90 -14.76 6.12
N TYR A 28 -27.58 -14.99 6.13
CA TYR A 28 -26.61 -13.92 5.93
C TYR A 28 -26.80 -13.24 4.57
N VAL A 29 -26.87 -14.06 3.53
CA VAL A 29 -27.03 -13.54 2.18
C VAL A 29 -28.38 -12.83 2.00
N SER A 30 -29.45 -13.42 2.57
N SER A 30 -29.42 -13.43 2.57
CA SER A 30 -30.79 -12.81 2.48
CA SER A 30 -30.75 -12.85 2.52
C SER A 30 -30.87 -11.48 3.23
C SER A 30 -30.78 -11.47 3.17
N THR A 31 -30.12 -11.36 4.32
CA THR A 31 -29.95 -10.06 5.02
C THR A 31 -29.32 -9.02 4.10
N ILE A 32 -28.23 -9.40 3.45
CA ILE A 32 -27.56 -8.46 2.52
C ILE A 32 -28.50 -8.08 1.37
N GLN A 33 -29.26 -9.06 0.86
CA GLN A 33 -30.23 -8.76 -0.20
C GLN A 33 -31.30 -7.74 0.26
N SER A 34 -31.79 -7.93 1.48
CA SER A 34 -32.80 -7.03 2.08
C SER A 34 -32.23 -5.62 2.26
N LEU A 35 -31.01 -5.56 2.77
CA LEU A 35 -30.32 -4.26 2.92
C LEU A 35 -30.16 -3.54 1.58
N ALA A 36 -29.73 -4.28 0.56
CA ALA A 36 -29.53 -3.72 -0.78
C ALA A 36 -30.83 -3.13 -1.35
N LYS A 37 -31.97 -3.79 -1.09
CA LYS A 37 -33.27 -3.24 -1.50
C LYS A 37 -33.61 -1.99 -0.67
N SER A 38 -33.47 -2.08 0.65
CA SER A 38 -33.72 -0.95 1.58
C SER A 38 -32.93 0.31 1.22
N TYR A 39 -31.68 0.11 0.78
CA TYR A 39 -30.80 1.22 0.45
C TYR A 39 -30.63 1.49 -1.05
N SER A 40 -31.48 0.87 -1.88
CA SER A 40 -31.52 1.09 -3.34
C SER A 40 -30.13 0.90 -3.97
N ALA A 41 -29.48 -0.20 -3.60
CA ALA A 41 -28.09 -0.44 -4.00
C ALA A 41 -28.03 -1.04 -5.38
N ARG A 42 -27.60 -0.23 -6.34
CA ARG A 42 -27.24 -0.72 -7.68
C ARG A 42 -26.03 -1.67 -7.62
N THR A 43 -25.09 -1.35 -6.73
CA THR A 43 -23.88 -2.15 -6.54
C THR A 43 -23.74 -2.43 -5.06
N THR A 44 -23.43 -3.68 -4.73
CA THR A 44 -23.19 -4.12 -3.36
C THR A 44 -21.85 -4.84 -3.32
N ILE A 45 -21.00 -4.43 -2.38
CA ILE A 45 -19.69 -5.06 -2.22
C ILE A 45 -19.58 -5.44 -0.77
N VAL A 46 -19.21 -6.70 -0.57
CA VAL A 46 -19.07 -7.27 0.75
C VAL A 46 -17.59 -7.48 1.07
N LEU A 47 -17.22 -7.04 2.26
CA LEU A 47 -15.83 -7.08 2.71
C LEU A 47 -15.74 -7.96 3.94
N GLY A 48 -14.59 -8.61 4.10
CA GLY A 48 -14.31 -9.38 5.31
C GLY A 48 -12.92 -9.11 5.83
N ASP A 49 -12.73 -9.37 7.12
CA ASP A 49 -11.38 -9.34 7.70
C ASP A 49 -10.68 -10.68 7.52
N LYS A 50 -9.38 -10.61 7.32
CA LYS A 50 -8.54 -11.78 7.19
C LYS A 50 -7.16 -11.47 7.75
N GLY A 51 -6.84 -12.10 8.86
CA GLY A 51 -5.54 -11.91 9.54
C GLY A 51 -5.60 -10.64 10.35
N LYS A 52 -4.46 -9.97 10.46
CA LYS A 52 -4.29 -8.76 11.29
C LYS A 52 -3.78 -7.61 10.40
N SER A 53 -3.98 -6.36 10.84
CA SER A 53 -3.58 -5.17 10.06
C SER A 53 -2.05 -5.07 10.00
N VAL A 54 -1.49 -5.45 8.86
CA VAL A 54 -0.02 -5.40 8.71
C VAL A 54 0.45 -3.93 8.83
N PHE A 55 -0.26 -3.04 8.17
CA PHE A 55 0.05 -1.62 8.18
C PHE A 55 0.06 -1.04 9.59
N ARG A 56 -0.99 -1.30 10.35
CA ARG A 56 -1.08 -0.72 11.71
C ARG A 56 -0.14 -1.38 12.71
N LEU A 57 0.07 -2.68 12.60
CA LEU A 57 1.04 -3.40 13.42
C LEU A 57 2.50 -2.96 13.18
N GLU A 58 2.80 -2.56 11.95
CA GLU A 58 4.16 -2.04 11.66
C GLU A 58 4.40 -0.71 12.38
N HIS A 59 3.35 0.10 12.46
CA HIS A 59 3.42 1.38 13.17
C HIS A 59 3.31 1.23 14.70
N LEU A 60 2.49 0.29 15.14
CA LEU A 60 2.22 0.07 16.55
C LEU A 60 2.13 -1.43 16.79
N PRO A 61 3.25 -2.07 17.20
CA PRO A 61 3.19 -3.51 17.44
C PRO A 61 2.13 -4.00 18.45
N GLU A 62 1.71 -3.12 19.36
CA GLU A 62 0.72 -3.45 20.40
C GLU A 62 -0.73 -3.20 19.93
N TYR A 63 -0.91 -2.83 18.66
CA TYR A 63 -2.24 -2.54 18.10
C TYR A 63 -3.18 -3.71 18.31
N LYS A 64 -4.35 -3.45 18.88
CA LYS A 64 -5.35 -4.50 19.23
C LYS A 64 -4.81 -5.65 20.11
N GLY A 65 -3.76 -5.36 20.86
CA GLY A 65 -3.13 -6.38 21.73
C GLY A 65 -4.07 -6.85 22.83
N ASN A 66 -4.97 -5.95 23.25
CA ASN A 66 -5.99 -6.28 24.24
C ASN A 66 -6.96 -7.35 23.70
N ARG A 67 -7.30 -7.21 22.43
CA ARG A 67 -8.16 -8.20 21.75
C ARG A 67 -7.40 -9.54 21.62
N ASP A 68 -6.12 -9.49 21.25
CA ASP A 68 -5.32 -10.72 21.17
C ASP A 68 -5.21 -11.42 22.52
N GLU A 69 -5.06 -10.64 23.58
CA GLU A 69 -4.98 -11.17 24.93
C GLU A 69 -6.26 -11.91 25.30
N LYS A 70 -7.40 -11.29 24.96
CA LYS A 70 -8.68 -11.91 25.25
C LYS A 70 -8.82 -13.24 24.52
N TYR A 71 -8.45 -13.26 23.24
CA TYR A 71 -8.49 -14.51 22.49
C TYR A 71 -7.57 -15.54 23.13
N ALA A 72 -6.39 -15.12 23.56
CA ALA A 72 -5.43 -16.05 24.15
C ALA A 72 -5.87 -16.61 25.50
N GLN A 73 -6.78 -15.89 26.18
CA GLN A 73 -7.28 -16.31 27.50
C GLN A 73 -8.62 -17.03 27.46
N ARG A 74 -9.10 -17.32 26.25
CA ARG A 74 -10.31 -18.09 26.09
C ARG A 74 -10.13 -19.47 26.67
N THR A 75 -11.23 -20.00 27.17
CA THR A 75 -11.28 -21.39 27.53
C THR A 75 -11.27 -22.20 26.25
N GLU A 76 -10.89 -23.46 26.38
CA GLU A 76 -10.88 -24.35 25.21
C GLU A 76 -12.25 -24.44 24.53
N GLU A 77 -13.34 -24.38 25.31
CA GLU A 77 -14.73 -24.40 24.74
C GLU A 77 -15.12 -23.11 24.04
N GLU A 78 -14.65 -21.99 24.58
CA GLU A 78 -14.88 -20.67 24.00
C GLU A 78 -14.21 -20.65 22.66
N LYS A 79 -13.01 -21.23 22.61
CA LYS A 79 -12.24 -21.23 21.38
C LYS A 79 -12.92 -22.10 20.31
N ALA A 80 -13.39 -23.28 20.72
CA ALA A 80 -14.04 -24.20 19.78
C ALA A 80 -15.26 -23.59 19.15
N LEU A 81 -16.07 -22.95 20.00
CA LEU A 81 -17.26 -22.20 19.59
C LEU A 81 -16.91 -21.11 18.58
N ASP A 82 -15.84 -20.37 18.86
CA ASP A 82 -15.39 -19.33 17.93
C ASP A 82 -14.94 -19.94 16.61
N GLU A 83 -14.20 -21.05 16.69
CA GLU A 83 -13.76 -21.76 15.48
C GLU A 83 -14.97 -22.21 14.64
N GLN A 84 -16.02 -22.66 15.32
CA GLN A 84 -17.27 -23.04 14.65
C GLN A 84 -17.91 -21.85 13.95
N PHE A 85 -18.02 -20.75 14.69
CA PHE A 85 -18.51 -19.48 14.14
C PHE A 85 -17.73 -19.11 12.88
N PHE A 86 -16.40 -19.15 12.95
CA PHE A 86 -15.60 -18.68 11.79
C PHE A 86 -15.71 -19.61 10.58
N GLU A 87 -15.92 -20.90 10.85
CA GLU A 87 -16.21 -21.86 9.78
C GLU A 87 -17.55 -21.53 9.12
N TYR A 88 -18.58 -21.31 9.93
CA TYR A 88 -19.87 -20.84 9.40
C TYR A 88 -19.79 -19.51 8.66
N LEU A 89 -18.98 -18.58 9.16
CA LEU A 89 -18.80 -17.28 8.49
C LEU A 89 -18.10 -17.45 7.13
N LYS A 90 -17.08 -18.31 7.10
CA LYS A 90 -16.43 -18.70 5.83
C LYS A 90 -17.44 -19.24 4.81
N ASP A 91 -18.32 -20.13 5.27
CA ASP A 91 -19.42 -20.67 4.42
C ASP A 91 -20.36 -19.54 3.98
N ALA A 92 -20.66 -18.62 4.89
CA ALA A 92 -21.47 -17.45 4.54
C ALA A 92 -20.81 -16.60 3.47
N PHE A 93 -19.50 -16.36 3.62
CA PHE A 93 -18.74 -15.59 2.63
C PHE A 93 -18.71 -16.30 1.25
N GLU A 94 -18.58 -17.63 1.28
CA GLU A 94 -18.57 -18.43 0.04
C GLU A 94 -19.89 -18.34 -0.70
N LEU A 95 -20.98 -18.42 0.07
CA LEU A 95 -22.30 -18.27 -0.53
C LEU A 95 -22.48 -16.84 -1.05
N CYS A 96 -22.08 -15.89 -0.22
CA CYS A 96 -22.16 -14.47 -0.58
C CYS A 96 -21.46 -14.15 -1.92
N LYS A 97 -20.29 -14.77 -2.11
CA LYS A 97 -19.46 -14.55 -3.31
C LYS A 97 -20.15 -14.98 -4.61
N THR A 98 -21.08 -15.92 -4.52
CA THR A 98 -21.87 -16.36 -5.67
C THR A 98 -22.88 -15.29 -6.13
N THR A 99 -23.19 -14.36 -5.23
CA THR A 99 -24.28 -13.37 -5.42
C THR A 99 -23.77 -11.93 -5.51
N PHE A 100 -22.76 -11.61 -4.71
CA PHE A 100 -22.20 -10.26 -4.63
C PHE A 100 -20.69 -10.29 -4.73
N PRO A 101 -20.08 -9.23 -5.29
CA PRO A 101 -18.64 -9.08 -5.14
C PRO A 101 -18.24 -9.13 -3.66
N THR A 102 -17.30 -9.99 -3.33
CA THR A 102 -16.93 -10.30 -1.96
C THR A 102 -15.40 -10.40 -1.88
N PHE A 103 -14.80 -9.60 -0.98
CA PHE A 103 -13.34 -9.48 -0.85
C PHE A 103 -12.85 -9.67 0.56
N THR A 104 -11.81 -10.48 0.67
CA THR A 104 -10.94 -10.49 1.81
C THR A 104 -9.50 -10.43 1.29
N ILE A 105 -8.64 -9.74 2.05
CA ILE A 105 -7.22 -9.63 1.68
C ILE A 105 -6.42 -9.83 2.94
N ARG A 106 -5.63 -10.90 3.02
N ARG A 106 -5.63 -10.89 2.99
CA ARG A 106 -4.95 -11.22 4.26
CA ARG A 106 -4.83 -11.25 4.15
C ARG A 106 -4.01 -10.08 4.63
C ARG A 106 -3.98 -10.05 4.60
N GLY A 107 -4.13 -9.68 5.87
CA GLY A 107 -3.32 -8.60 6.44
C GLY A 107 -3.81 -7.18 6.21
N VAL A 108 -5.03 -7.06 5.67
CA VAL A 108 -5.68 -5.78 5.41
C VAL A 108 -7.06 -5.75 6.10
N GLU A 109 -7.28 -4.73 6.92
CA GLU A 109 -8.59 -4.51 7.54
C GLU A 109 -9.65 -4.15 6.51
N ALA A 110 -10.87 -4.60 6.78
CA ALA A 110 -12.03 -4.19 6.01
C ALA A 110 -12.14 -2.67 5.91
N ASP A 111 -11.79 -1.99 7.01
CA ASP A 111 -11.81 -0.53 7.04
C ASP A 111 -11.08 0.12 5.88
N ASP A 112 -9.88 -0.39 5.59
CA ASP A 112 -9.04 0.18 4.54
C ASP A 112 -9.60 -0.09 3.14
N MET A 113 -10.12 -1.31 2.95
CA MET A 113 -10.78 -1.63 1.70
C MET A 113 -12.01 -0.74 1.46
N ALA A 114 -12.80 -0.49 2.52
CA ALA A 114 -14.01 0.33 2.39
C ALA A 114 -13.66 1.77 2.02
N ALA A 115 -12.70 2.33 2.75
CA ALA A 115 -12.20 3.68 2.49
C ALA A 115 -11.70 3.84 1.05
N TYR A 116 -10.95 2.85 0.59
CA TYR A 116 -10.40 2.89 -0.76
C TYR A 116 -11.50 2.77 -1.85
N ILE A 117 -12.48 1.88 -1.63
CA ILE A 117 -13.62 1.77 -2.55
C ILE A 117 -14.37 3.09 -2.68
N VAL A 118 -14.64 3.73 -1.55
CA VAL A 118 -15.33 5.02 -1.57
C VAL A 118 -14.58 6.04 -2.42
N LYS A 119 -13.27 6.13 -2.20
CA LYS A 119 -12.39 7.04 -2.96
C LYS A 119 -12.41 6.76 -4.45
N LEU A 120 -12.40 5.47 -4.77
CA LEU A 120 -12.17 5.01 -6.12
C LEU A 120 -13.39 5.14 -7.01
N ILE A 121 -14.54 4.73 -6.47
CA ILE A 121 -15.79 4.65 -7.26
C ILE A 121 -17.03 5.36 -6.67
N GLY A 122 -16.91 5.95 -5.49
CA GLY A 122 -18.08 6.55 -4.82
C GLY A 122 -18.81 7.61 -5.67
N HIS A 123 -18.02 8.32 -6.49
CA HIS A 123 -18.52 9.38 -7.39
C HIS A 123 -19.54 8.90 -8.42
N LEU A 124 -19.51 7.60 -8.70
CA LEU A 124 -20.43 6.96 -9.67
C LEU A 124 -21.82 6.65 -9.18
N TYR A 125 -22.08 6.94 -7.91
CA TYR A 125 -23.35 6.64 -7.27
C TYR A 125 -24.00 7.87 -6.67
N ASP A 126 -25.31 7.82 -6.53
CA ASP A 126 -26.08 8.92 -5.91
C ASP A 126 -25.71 9.08 -4.42
N HIS A 127 -25.66 7.95 -3.73
CA HIS A 127 -25.30 7.88 -2.31
C HIS A 127 -24.53 6.61 -2.05
N VAL A 128 -23.71 6.63 -1.01
CA VAL A 128 -22.96 5.46 -0.57
C VAL A 128 -23.42 5.12 0.83
N TRP A 129 -23.86 3.89 1.00
CA TRP A 129 -24.28 3.37 2.29
C TRP A 129 -23.29 2.33 2.78
N LEU A 130 -22.74 2.61 3.95
CA LEU A 130 -21.81 1.76 4.66
C LEU A 130 -22.57 0.99 5.72
N ILE A 131 -22.49 -0.33 5.67
CA ILE A 131 -23.18 -1.17 6.65
C ILE A 131 -22.16 -1.69 7.65
N SER A 132 -22.08 -0.99 8.78
CA SER A 132 -21.15 -1.33 9.85
C SER A 132 -21.59 -0.72 11.16
N THR A 133 -21.30 -1.42 12.24
CA THR A 133 -21.49 -0.89 13.61
C THR A 133 -20.28 -0.06 14.12
N LYS A 134 -19.21 0.00 13.33
CA LYS A 134 -17.97 0.62 13.76
C LYS A 134 -17.98 2.15 13.59
N GLY A 135 -17.87 2.86 14.71
CA GLY A 135 -17.73 4.31 14.69
C GLY A 135 -16.56 4.80 13.85
N ASP A 136 -15.51 3.99 13.80
CA ASP A 136 -14.30 4.31 13.00
C ASP A 136 -14.66 4.59 11.52
N TRP A 137 -15.70 3.91 11.02
CA TRP A 137 -16.14 4.12 9.64
C TRP A 137 -16.73 5.52 9.37
N ASP A 138 -17.06 6.26 10.43
CA ASP A 138 -17.57 7.63 10.27
C ASP A 138 -16.47 8.64 9.84
N THR A 139 -15.21 8.19 9.82
CA THR A 139 -14.15 8.95 9.13
C THR A 139 -14.37 9.03 7.60
N LEU A 140 -15.32 8.25 7.10
CA LEU A 140 -15.67 8.25 5.66
C LEU A 140 -16.91 9.07 5.30
N LEU A 141 -17.60 9.61 6.30
CA LEU A 141 -18.87 10.33 6.02
C LEU A 141 -18.65 11.58 5.20
N THR A 142 -19.59 11.83 4.30
CA THR A 142 -19.63 13.05 3.52
C THR A 142 -21.09 13.39 3.31
N ASP A 143 -21.34 14.44 2.53
CA ASP A 143 -22.69 14.77 2.04
C ASP A 143 -23.37 13.58 1.34
N LYS A 144 -22.58 12.70 0.75
CA LYS A 144 -23.14 11.58 -0.01
C LYS A 144 -22.70 10.18 0.48
N VAL A 145 -22.18 10.10 1.70
CA VAL A 145 -21.74 8.84 2.30
C VAL A 145 -22.29 8.78 3.71
N SER A 146 -23.07 7.74 3.99
CA SER A 146 -23.69 7.54 5.29
C SER A 146 -23.49 6.12 5.79
N ARG A 147 -23.72 5.90 7.08
CA ARG A 147 -23.55 4.59 7.70
C ARG A 147 -24.82 4.09 8.39
N PHE A 148 -25.09 2.79 8.31
CA PHE A 148 -26.16 2.15 9.10
C PHE A 148 -25.57 1.10 10.04
N SER A 149 -25.95 1.19 11.31
CA SER A 149 -25.55 0.24 12.36
C SER A 149 -26.68 -0.66 12.80
N PHE A 150 -26.48 -1.97 12.70
CA PHE A 150 -27.53 -2.90 13.14
C PHE A 150 -27.71 -2.94 14.66
N THR A 151 -26.68 -2.55 15.43
CA THR A 151 -26.77 -2.57 16.90
C THR A 151 -27.52 -1.35 17.44
N THR A 152 -27.21 -0.18 16.91
CA THR A 152 -27.87 1.06 17.37
C THR A 152 -29.12 1.43 16.59
N ARG A 153 -29.21 0.89 15.37
CA ARG A 153 -30.29 1.19 14.39
C ARG A 153 -30.23 2.59 13.78
N ARG A 154 -29.16 3.32 14.06
CA ARG A 154 -29.03 4.69 13.59
C ARG A 154 -28.46 4.70 12.18
N GLU A 155 -28.91 5.69 11.42
CA GLU A 155 -28.29 6.07 10.17
C GLU A 155 -27.47 7.31 10.47
N TYR A 156 -26.17 7.19 10.23
CA TYR A 156 -25.17 8.19 10.59
C TYR A 156 -24.85 9.03 9.38
N HIS A 157 -25.15 10.34 9.50
CA HIS A 157 -24.94 11.30 8.46
C HIS A 157 -23.98 12.42 8.94
N LEU A 158 -23.23 12.96 7.99
CA LEU A 158 -22.30 14.07 8.24
C LEU A 158 -22.97 15.25 8.97
N ARG A 159 -24.19 15.59 8.59
CA ARG A 159 -24.91 16.71 9.21
C ARG A 159 -25.15 16.53 10.72
N ASP A 160 -25.13 15.28 11.21
CA ASP A 160 -25.32 14.92 12.62
C ASP A 160 -24.02 14.56 13.36
N MET A 161 -22.90 14.95 12.77
CA MET A 161 -21.58 14.57 13.33
C MET A 161 -21.42 14.93 14.80
N TYR A 162 -21.89 16.11 15.20
CA TYR A 162 -21.72 16.54 16.60
C TYR A 162 -22.50 15.66 17.59
N GLU A 163 -23.76 15.37 17.24
CA GLU A 163 -24.56 14.41 18.03
C GLU A 163 -23.81 13.10 18.25
N HIS A 164 -23.18 12.60 17.19
CA HIS A 164 -22.55 11.26 17.24
C HIS A 164 -21.15 11.21 17.85
N HIS A 165 -20.38 12.25 17.59
CA HIS A 165 -18.93 12.24 17.80
C HIS A 165 -18.36 13.49 18.45
N ASN A 166 -19.22 14.44 18.83
CA ASN A 166 -18.78 15.65 19.56
C ASN A 166 -17.83 16.54 18.74
N VAL A 167 -17.91 16.43 17.41
CA VAL A 167 -17.19 17.30 16.48
C VAL A 167 -18.13 17.66 15.32
N ASP A 168 -17.77 18.69 14.57
CA ASP A 168 -18.65 19.14 13.46
C ASP A 168 -18.35 18.52 12.11
N ASP A 169 -17.12 18.03 11.92
CA ASP A 169 -16.72 17.50 10.63
C ASP A 169 -15.72 16.34 10.74
N VAL A 170 -15.45 15.70 9.60
CA VAL A 170 -14.58 14.51 9.54
C VAL A 170 -13.12 14.85 9.90
N GLU A 171 -12.62 15.98 9.40
CA GLU A 171 -11.24 16.37 9.71
C GLU A 171 -11.07 16.47 11.24
N GLN A 172 -12.03 17.11 11.90
CA GLN A 172 -12.04 17.18 13.35
C GLN A 172 -12.18 15.83 14.02
N PHE A 173 -13.03 14.95 13.47
CA PHE A 173 -13.20 13.60 14.06
C PHE A 173 -11.86 12.83 14.05
N ILE A 174 -11.19 12.89 12.90
CA ILE A 174 -9.92 12.21 12.71
C ILE A 174 -8.89 12.74 13.69
N SER A 175 -8.80 14.06 13.82
CA SER A 175 -7.83 14.65 14.75
C SER A 175 -8.17 14.33 16.20
N LEU A 176 -9.45 14.38 16.54
CA LEU A 176 -9.88 14.07 17.92
C LEU A 176 -9.54 12.63 18.30
N LYS A 177 -9.83 11.70 17.39
CA LYS A 177 -9.45 10.27 17.58
C LYS A 177 -7.96 10.05 17.80
N ALA A 178 -7.18 10.83 17.07
CA ALA A 178 -5.72 10.80 17.22
C ALA A 178 -5.29 11.29 18.59
N ILE A 179 -5.90 12.36 19.05
CA ILE A 179 -5.60 12.92 20.38
C ILE A 179 -6.04 11.98 21.50
N MET A 180 -7.25 11.44 21.37
CA MET A 180 -7.84 10.61 22.43
C MET A 180 -7.46 9.14 22.39
N GLY A 181 -6.98 8.67 21.24
CA GLY A 181 -6.74 7.23 21.03
C GLY A 181 -8.01 6.40 21.24
N ASP A 182 -7.81 5.12 21.57
CA ASP A 182 -8.91 4.18 21.74
C ASP A 182 -8.40 2.99 22.52
N LEU A 183 -8.90 2.90 23.73
CA LEU A 183 -8.66 1.80 24.64
C LEU A 183 -8.85 0.44 23.98
N GLY A 184 -9.96 0.34 23.26
CA GLY A 184 -10.37 -0.88 22.57
C GLY A 184 -9.39 -1.40 21.53
N ASP A 185 -8.58 -0.51 20.96
CA ASP A 185 -7.54 -0.85 19.99
C ASP A 185 -6.13 -0.81 20.58
N ASN A 186 -6.04 -0.56 21.88
CA ASN A 186 -4.75 -0.43 22.55
C ASN A 186 -3.93 0.77 22.02
N ILE A 187 -4.62 1.85 21.67
CA ILE A 187 -4.02 3.09 21.19
C ILE A 187 -4.17 4.10 22.31
N ARG A 188 -3.03 4.50 22.88
CA ARG A 188 -2.99 5.45 23.98
C ARG A 188 -3.38 6.84 23.48
N GLY A 189 -4.05 7.58 24.36
CA GLY A 189 -4.35 8.98 24.08
C GLY A 189 -3.62 9.90 25.03
N VAL A 190 -3.82 11.21 24.83
CA VAL A 190 -3.21 12.23 25.65
C VAL A 190 -4.02 12.37 26.94
N GLU A 191 -3.35 12.19 28.07
CA GLU A 191 -4.03 12.23 29.38
C GLU A 191 -4.70 13.58 29.63
N GLY A 192 -5.95 13.51 30.09
CA GLY A 192 -6.71 14.69 30.50
C GLY A 192 -7.53 15.36 29.42
N ILE A 193 -7.48 14.84 28.20
CA ILE A 193 -8.24 15.42 27.10
C ILE A 193 -9.45 14.56 26.76
N GLY A 194 -10.61 15.05 27.16
CA GLY A 194 -11.89 14.48 26.75
C GLY A 194 -12.35 15.08 25.43
N ALA A 195 -13.49 14.60 24.96
CA ALA A 195 -14.03 14.99 23.66
C ALA A 195 -14.23 16.51 23.55
N LYS A 196 -14.82 17.10 24.59
CA LYS A 196 -15.02 18.55 24.68
C LYS A 196 -13.71 19.34 24.51
N ARG A 197 -12.76 19.08 25.41
CA ARG A 197 -11.47 19.77 25.39
C ARG A 197 -10.82 19.56 24.03
N GLY A 198 -10.85 18.32 23.54
CA GLY A 198 -10.15 18.04 22.28
C GLY A 198 -10.73 18.79 21.08
N TYR A 199 -12.06 18.80 21.00
CA TYR A 199 -12.75 19.61 19.98
C TYR A 199 -12.35 21.10 20.08
N ASN A 200 -12.33 21.62 21.31
CA ASN A 200 -11.94 23.05 21.57
C ASN A 200 -10.49 23.34 21.13
N ILE A 201 -9.60 22.36 21.39
CA ILE A 201 -8.18 22.46 21.02
C ILE A 201 -8.05 22.52 19.50
N ILE A 202 -8.77 21.63 18.81
CA ILE A 202 -8.74 21.60 17.35
C ILE A 202 -9.30 22.90 16.74
N ARG A 203 -10.40 23.41 17.30
CA ARG A 203 -11.00 24.64 16.78
C ARG A 203 -10.10 25.89 16.98
N GLU A 204 -9.25 25.82 18.00
CA GLU A 204 -8.29 26.90 18.29
C GLU A 204 -7.07 26.80 17.38
N PHE A 205 -6.45 25.61 17.33
CA PHE A 205 -5.09 25.48 16.76
C PHE A 205 -5.01 24.84 15.40
N GLY A 206 -6.09 24.16 15.01
CA GLY A 206 -6.14 23.41 13.76
C GLY A 206 -6.12 21.90 13.96
N ASN A 207 -5.92 21.20 12.86
CA ASN A 207 -5.84 19.72 12.92
C ASN A 207 -4.54 19.26 13.62
N VAL A 208 -4.39 17.95 13.83
CA VAL A 208 -3.23 17.43 14.57
C VAL A 208 -1.90 17.83 13.92
N LEU A 209 -1.82 17.84 12.59
CA LEU A 209 -0.56 18.26 11.95
C LEU A 209 -0.23 19.73 12.26
N ASP A 210 -1.26 20.56 12.23
CA ASP A 210 -1.14 21.99 12.58
C ASP A 210 -0.74 22.17 14.05
N ILE A 211 -1.34 21.35 14.92
CA ILE A 211 -1.04 21.34 16.36
C ILE A 211 0.44 21.02 16.57
N ILE A 212 0.89 19.95 15.93
CA ILE A 212 2.29 19.53 16.04
C ILE A 212 3.23 20.68 15.67
N ASP A 213 2.94 21.37 14.57
CA ASP A 213 3.73 22.54 14.12
C ASP A 213 3.83 23.68 15.12
N GLN A 214 2.84 23.81 15.99
CA GLN A 214 2.77 24.86 17.01
C GLN A 214 3.26 24.49 18.41
N LEU A 215 3.67 23.25 18.61
CA LEU A 215 4.15 22.83 19.92
C LEU A 215 5.42 23.59 20.25
N PRO A 216 5.59 24.04 21.50
CA PRO A 216 4.65 23.89 22.59
C PRO A 216 3.52 24.93 22.56
N LEU A 217 2.30 24.48 22.78
CA LEU A 217 1.13 25.35 22.86
C LEU A 217 1.18 26.16 24.15
N PRO A 218 0.63 27.40 24.14
CA PRO A 218 0.51 28.17 25.36
C PRO A 218 -0.60 27.60 26.22
N GLY A 219 -0.48 27.81 27.52
CA GLY A 219 -1.49 27.34 28.47
C GLY A 219 -0.83 26.62 29.62
N LYS A 220 -1.35 26.88 30.83
CA LYS A 220 -0.79 26.32 32.07
C LYS A 220 -1.41 24.99 32.44
N GLN A 221 -2.51 24.63 31.77
CA GLN A 221 -3.27 23.45 32.17
C GLN A 221 -2.42 22.20 31.93
N LYS A 222 -2.56 21.23 32.82
CA LYS A 222 -1.81 19.98 32.74
C LYS A 222 -2.07 19.23 31.43
N TYR A 223 -3.29 19.30 30.93
CA TYR A 223 -3.60 18.61 29.66
C TYR A 223 -2.84 19.25 28.45
N ILE A 224 -2.61 20.57 28.49
CA ILE A 224 -1.76 21.26 27.48
C ILE A 224 -0.28 20.83 27.60
N GLN A 225 0.18 20.71 28.83
CA GLN A 225 1.56 20.24 29.09
C GLN A 225 1.70 18.81 28.56
N ASN A 226 0.68 18.00 28.80
CA ASN A 226 0.65 16.63 28.27
C ASN A 226 0.68 16.61 26.74
N LEU A 227 -0.16 17.43 26.11
CA LEU A 227 -0.18 17.56 24.65
C LEU A 227 1.19 17.97 24.08
N ASN A 228 1.81 18.93 24.74
CA ASN A 228 3.12 19.45 24.32
C ASN A 228 4.21 18.39 24.31
N ALA A 229 4.06 17.38 25.16
CA ALA A 229 5.02 16.26 25.27
C ALA A 229 4.73 15.14 24.28
N SER A 230 3.66 15.29 23.48
CA SER A 230 3.09 14.14 22.77
C SER A 230 3.24 14.17 21.25
N GLU A 231 4.21 14.89 20.71
CA GLU A 231 4.42 14.92 19.25
C GLU A 231 4.43 13.50 18.63
N GLU A 232 5.20 12.59 19.21
CA GLU A 232 5.38 11.24 18.61
C GLU A 232 4.05 10.48 18.61
N LEU A 233 3.40 10.49 19.76
CA LEU A 233 2.07 9.85 19.92
C LEU A 233 1.05 10.41 18.95
N LEU A 234 1.02 11.75 18.82
CA LEU A 234 0.04 12.39 17.94
C LEU A 234 0.26 12.01 16.49
N PHE A 235 1.52 12.05 16.05
CA PHE A 235 1.84 11.77 14.65
C PHE A 235 1.54 10.31 14.30
N ARG A 236 1.92 9.41 15.19
CA ARG A 236 1.67 7.99 15.01
C ARG A 236 0.17 7.68 15.02
N ASN A 237 -0.54 8.24 16.00
CA ASN A 237 -1.98 8.00 16.10
C ASN A 237 -2.70 8.47 14.88
N LEU A 238 -2.28 9.60 14.32
CA LEU A 238 -2.92 10.10 13.11
C LEU A 238 -2.78 9.10 11.95
N ILE A 239 -1.61 8.47 11.83
CA ILE A 239 -1.39 7.39 10.85
C ILE A 239 -2.35 6.25 11.11
N LEU A 240 -2.56 5.90 12.39
CA LEU A 240 -3.40 4.75 12.75
C LEU A 240 -4.88 4.95 12.53
N VAL A 241 -5.33 6.19 12.66
CA VAL A 241 -6.77 6.51 12.63
C VAL A 241 -7.28 7.23 11.37
N ASP A 242 -6.41 7.85 10.59
CA ASP A 242 -6.79 8.60 9.42
C ASP A 242 -7.03 7.67 8.24
N LEU A 243 -8.19 7.01 8.26
CA LEU A 243 -8.51 6.02 7.23
C LEU A 243 -8.43 6.57 5.82
N PRO A 244 -9.05 7.74 5.53
CA PRO A 244 -9.01 8.22 4.16
C PRO A 244 -7.60 8.47 3.65
N THR A 245 -6.74 9.06 4.48
CA THR A 245 -5.41 9.37 4.02
C THR A 245 -4.58 8.12 3.76
N TYR A 246 -4.67 7.15 4.65
CA TYR A 246 -3.73 5.98 4.64
C TYR A 246 -4.27 4.66 4.08
N CYS A 247 -5.51 4.66 3.61
CA CYS A 247 -6.11 3.38 3.20
C CYS A 247 -5.36 2.72 2.04
N VAL A 248 -4.85 3.52 1.11
CA VAL A 248 -4.08 2.99 -0.03
C VAL A 248 -2.75 2.37 0.49
N ASP A 249 -2.05 3.10 1.34
CA ASP A 249 -0.82 2.61 1.95
C ASP A 249 -1.04 1.33 2.75
N ALA A 250 -2.19 1.23 3.41
CA ALA A 250 -2.49 0.07 4.23
C ALA A 250 -2.69 -1.18 3.38
N ILE A 251 -3.29 -1.00 2.20
CA ILE A 251 -3.45 -2.12 1.26
C ILE A 251 -2.09 -2.44 0.62
N ALA A 252 -1.37 -1.40 0.17
CA ALA A 252 -0.05 -1.58 -0.41
C ALA A 252 0.95 -2.24 0.53
N ALA A 253 0.71 -2.17 1.84
CA ALA A 253 1.63 -2.76 2.84
C ALA A 253 1.86 -4.26 2.63
N VAL A 254 0.85 -4.96 2.09
CA VAL A 254 0.91 -6.41 1.86
C VAL A 254 1.39 -6.76 0.45
N GLY A 255 1.71 -5.74 -0.34
CA GLY A 255 2.22 -5.91 -1.70
C GLY A 255 1.56 -4.96 -2.68
N GLN A 256 2.34 -4.23 -3.45
CA GLN A 256 1.78 -3.33 -4.50
C GLN A 256 0.92 -4.11 -5.48
N ASP A 257 1.36 -5.33 -5.81
CA ASP A 257 0.58 -6.24 -6.68
C ASP A 257 -0.82 -6.51 -6.14
N VAL A 258 -0.92 -6.69 -4.83
CA VAL A 258 -2.22 -6.92 -4.16
C VAL A 258 -3.12 -5.70 -4.30
N LEU A 259 -2.56 -4.52 -4.08
CA LEU A 259 -3.29 -3.26 -4.30
C LEU A 259 -3.74 -3.13 -5.77
N ASP A 260 -2.84 -3.42 -6.69
CA ASP A 260 -3.17 -3.31 -8.12
C ASP A 260 -4.32 -4.23 -8.51
N LYS A 261 -4.27 -5.46 -8.02
CA LYS A 261 -5.35 -6.46 -8.23
C LYS A 261 -6.69 -5.95 -7.67
N PHE A 262 -6.66 -5.46 -6.43
CA PHE A 262 -7.87 -4.93 -5.81
C PHE A 262 -8.44 -3.74 -6.61
N THR A 263 -7.58 -2.82 -7.02
CA THR A 263 -8.00 -1.69 -7.84
C THR A 263 -8.70 -2.17 -9.12
N LYS A 264 -8.05 -3.11 -9.79
CA LYS A 264 -8.57 -3.69 -11.03
C LYS A 264 -9.96 -4.28 -10.77
N ASP A 265 -10.09 -5.07 -9.70
CA ASP A 265 -11.38 -5.73 -9.36
C ASP A 265 -12.51 -4.73 -9.11
N ILE A 266 -12.20 -3.67 -8.38
CA ILE A 266 -13.21 -2.69 -8.02
C ILE A 266 -13.65 -1.88 -9.23
N LEU A 267 -12.71 -1.49 -10.08
CA LEU A 267 -13.05 -0.75 -11.28
C LEU A 267 -13.92 -1.58 -12.24
N GLU A 268 -13.63 -2.88 -12.31
CA GLU A 268 -14.48 -3.79 -13.11
C GLU A 268 -15.92 -3.81 -12.61
N ILE A 269 -16.07 -3.88 -11.29
CA ILE A 269 -17.40 -3.88 -10.65
C ILE A 269 -18.19 -2.61 -11.00
N ALA A 270 -17.52 -1.47 -10.91
CA ALA A 270 -18.13 -0.16 -11.14
C ALA A 270 -18.50 0.13 -12.59
N GLU A 271 -17.85 -0.56 -13.52
CA GLU A 271 -18.21 -0.38 -14.93
C GLU A 271 -19.62 -0.93 -15.09
N ARG B 1 15.61 4.40 -34.18
CA ARG B 1 14.40 4.77 -33.39
C ARG B 1 14.71 4.75 -31.87
N ASN B 2 13.88 4.07 -31.10
CA ASN B 2 13.98 4.05 -29.63
C ASN B 2 14.45 2.72 -29.08
N LEU B 3 14.86 2.76 -27.81
CA LEU B 3 15.12 1.59 -27.02
C LEU B 3 13.94 1.39 -26.08
N MET B 4 13.45 0.15 -25.99
CA MET B 4 12.38 -0.21 -25.06
C MET B 4 12.88 -1.30 -24.14
N ILE B 5 12.77 -1.05 -22.84
CA ILE B 5 13.18 -2.00 -21.82
C ILE B 5 11.96 -2.42 -21.00
N VAL B 6 11.69 -3.73 -21.00
CA VAL B 6 10.50 -4.26 -20.37
C VAL B 6 10.78 -4.90 -19.02
N ASP B 7 10.10 -4.40 -17.99
CA ASP B 7 10.10 -5.01 -16.66
C ASP B 7 9.19 -6.24 -16.73
N GLY B 8 9.78 -7.40 -17.05
CA GLY B 8 9.01 -8.57 -17.46
C GLY B 8 8.26 -9.27 -16.36
N THR B 9 8.85 -9.36 -15.17
CA THR B 9 8.15 -9.92 -14.04
C THR B 9 6.97 -9.01 -13.62
N ASN B 10 7.21 -7.70 -13.66
CA ASN B 10 6.16 -6.71 -13.41
C ASN B 10 5.00 -6.86 -14.40
N LEU B 11 5.33 -7.03 -15.68
CA LEU B 11 4.30 -7.23 -16.74
C LEU B 11 3.53 -8.53 -16.49
N GLY B 12 4.22 -9.53 -15.95
CA GLY B 12 3.59 -10.80 -15.56
C GLY B 12 2.36 -10.61 -14.68
N PHE B 13 2.40 -9.62 -13.80
CA PHE B 13 1.25 -9.36 -12.91
C PHE B 13 -0.01 -8.96 -13.66
N ARG B 14 0.15 -8.32 -14.81
CA ARG B 14 -1.00 -7.96 -15.66
C ARG B 14 -1.80 -9.24 -15.98
N PHE B 15 -1.08 -10.32 -16.23
CA PHE B 15 -1.71 -11.58 -16.64
C PHE B 15 -2.15 -12.41 -15.44
N LYS B 16 -1.37 -12.34 -14.36
CA LYS B 16 -1.77 -12.98 -13.10
C LYS B 16 -3.15 -12.45 -12.64
N HIS B 17 -3.31 -11.13 -12.72
CA HIS B 17 -4.55 -10.45 -12.31
C HIS B 17 -5.75 -10.56 -13.25
N ASN B 18 -5.56 -11.08 -14.47
CA ASN B 18 -6.71 -11.47 -15.29
C ASN B 18 -7.39 -12.75 -14.76
N ASN B 19 -6.68 -13.55 -13.95
CA ASN B 19 -7.27 -14.73 -13.22
C ASN B 19 -7.79 -15.86 -14.12
N SER B 20 -7.24 -16.01 -15.32
CA SER B 20 -7.74 -17.02 -16.27
C SER B 20 -7.39 -18.47 -15.87
N LYS B 21 -6.36 -18.63 -15.02
CA LYS B 21 -5.74 -19.93 -14.71
C LYS B 21 -5.32 -20.72 -15.96
N LYS B 22 -5.01 -19.97 -17.01
CA LYS B 22 -4.63 -20.52 -18.32
C LYS B 22 -3.26 -19.94 -18.74
N PRO B 23 -2.55 -20.62 -19.66
CA PRO B 23 -1.27 -20.06 -20.11
C PRO B 23 -1.45 -18.69 -20.77
N PHE B 24 -0.46 -17.84 -20.62
CA PHE B 24 -0.52 -16.48 -21.17
C PHE B 24 0.70 -16.10 -22.02
N ALA B 25 1.60 -17.04 -22.29
CA ALA B 25 2.81 -16.71 -23.07
C ALA B 25 2.55 -15.97 -24.37
N SER B 26 1.61 -16.47 -25.16
CA SER B 26 1.31 -15.85 -26.43
C SER B 26 0.79 -14.40 -26.27
N SER B 27 -0.15 -14.21 -25.33
N SER B 27 -0.14 -14.19 -25.34
CA SER B 27 -0.70 -12.88 -25.01
CA SER B 27 -0.67 -12.84 -25.10
C SER B 27 0.41 -11.92 -24.55
C SER B 27 0.40 -11.89 -24.53
N TYR B 28 1.30 -12.44 -23.73
CA TYR B 28 2.43 -11.67 -23.16
C TYR B 28 3.33 -11.15 -24.27
N VAL B 29 3.71 -12.03 -25.18
CA VAL B 29 4.56 -11.60 -26.31
C VAL B 29 3.82 -10.64 -27.24
N SER B 30 2.55 -10.91 -27.50
CA SER B 30 1.72 -9.96 -28.30
C SER B 30 1.73 -8.54 -27.70
N THR B 31 1.60 -8.47 -26.38
CA THR B 31 1.57 -7.20 -25.63
C THR B 31 2.87 -6.42 -25.83
N ILE B 32 3.99 -7.13 -25.72
CA ILE B 32 5.29 -6.52 -25.94
C ILE B 32 5.45 -6.07 -27.41
N GLN B 33 5.00 -6.88 -28.38
CA GLN B 33 4.99 -6.44 -29.77
C GLN B 33 4.19 -5.14 -30.01
N SER B 34 3.00 -5.06 -29.40
N SER B 34 3.01 -5.07 -29.40
CA SER B 34 2.15 -3.85 -29.52
CA SER B 34 2.17 -3.88 -29.51
C SER B 34 2.90 -2.64 -28.94
C SER B 34 2.89 -2.65 -28.94
N LEU B 35 3.57 -2.84 -27.81
CA LEU B 35 4.31 -1.76 -27.15
C LEU B 35 5.49 -1.30 -28.00
N ALA B 36 6.19 -2.26 -28.62
CA ALA B 36 7.33 -1.94 -29.45
C ALA B 36 6.91 -1.09 -30.64
N LYS B 37 5.75 -1.39 -31.20
CA LYS B 37 5.20 -0.58 -32.27
C LYS B 37 4.82 0.83 -31.76
N SER B 38 4.07 0.89 -30.67
CA SER B 38 3.62 2.19 -30.10
C SER B 38 4.79 3.12 -29.76
N TYR B 39 5.87 2.53 -29.28
CA TYR B 39 7.05 3.29 -28.82
C TYR B 39 8.19 3.31 -29.83
N SER B 40 7.93 2.87 -31.06
CA SER B 40 8.91 2.95 -32.15
C SER B 40 10.25 2.36 -31.73
N ALA B 41 10.19 1.14 -31.19
CA ALA B 41 11.38 0.50 -30.63
C ALA B 41 12.21 -0.15 -31.72
N ARG B 42 13.40 0.40 -31.95
CA ARG B 42 14.43 -0.25 -32.77
C ARG B 42 14.98 -1.50 -32.09
N THR B 43 15.16 -1.38 -30.77
CA THR B 43 15.59 -2.46 -29.90
C THR B 43 14.64 -2.61 -28.74
N THR B 44 14.22 -3.85 -28.46
CA THR B 44 13.43 -4.19 -27.30
C THR B 44 14.19 -5.21 -26.49
N ILE B 45 14.38 -4.92 -25.21
CA ILE B 45 15.03 -5.85 -24.29
C ILE B 45 14.09 -6.17 -23.15
N VAL B 46 13.87 -7.46 -22.92
CA VAL B 46 12.98 -7.94 -21.86
C VAL B 46 13.79 -8.44 -20.68
N LEU B 47 13.44 -7.94 -19.50
CA LEU B 47 14.11 -8.33 -18.26
C LEU B 47 13.19 -9.11 -17.36
N GLY B 48 13.75 -10.02 -16.57
CA GLY B 48 13.03 -10.69 -15.51
C GLY B 48 13.79 -10.76 -14.21
N ASP B 49 13.07 -10.96 -13.13
CA ASP B 49 13.66 -11.17 -11.81
C ASP B 49 13.82 -12.66 -11.56
N LYS B 50 14.99 -13.04 -11.12
CA LYS B 50 15.34 -14.44 -10.83
C LYS B 50 16.10 -14.46 -9.53
N GLY B 51 15.59 -15.21 -8.57
CA GLY B 51 16.16 -15.25 -7.23
C GLY B 51 15.84 -13.96 -6.50
N LYS B 52 16.69 -13.64 -5.54
CA LYS B 52 16.56 -12.47 -4.66
C LYS B 52 17.75 -11.54 -4.86
N SER B 53 17.62 -10.27 -4.47
CA SER B 53 18.69 -9.29 -4.68
C SER B 53 19.87 -9.54 -3.76
N VAL B 54 20.94 -10.09 -4.33
CA VAL B 54 22.13 -10.40 -3.54
C VAL B 54 22.71 -9.10 -2.97
N PHE B 55 22.81 -8.10 -3.83
CA PHE B 55 23.34 -6.80 -3.43
C PHE B 55 22.56 -6.19 -2.27
N ARG B 56 21.23 -6.13 -2.39
CA ARG B 56 20.45 -5.47 -1.32
C ARG B 56 20.40 -6.30 -0.02
N LEU B 57 20.39 -7.62 -0.17
CA LEU B 57 20.43 -8.50 1.00
C LEU B 57 21.73 -8.39 1.79
N GLU B 58 22.83 -8.10 1.10
N GLU B 58 22.84 -8.12 1.10
CA GLU B 58 24.13 -7.84 1.75
CA GLU B 58 24.11 -7.85 1.78
C GLU B 58 24.13 -6.60 2.64
C GLU B 58 24.00 -6.66 2.73
N HIS B 59 23.32 -5.61 2.27
CA HIS B 59 23.17 -4.36 3.03
C HIS B 59 22.00 -4.35 4.02
N LEU B 60 21.00 -5.16 3.72
CA LEU B 60 19.79 -5.26 4.54
C LEU B 60 19.24 -6.68 4.47
N PRO B 61 19.66 -7.55 5.41
CA PRO B 61 19.21 -8.96 5.39
C PRO B 61 17.71 -9.18 5.35
N GLU B 62 16.95 -8.28 5.97
CA GLU B 62 15.46 -8.34 5.98
C GLU B 62 14.77 -7.71 4.74
N TYR B 63 15.53 -7.33 3.72
CA TYR B 63 15.00 -6.67 2.51
C TYR B 63 13.95 -7.54 1.87
N LYS B 64 12.76 -6.96 1.66
CA LYS B 64 11.59 -7.67 1.15
C LYS B 64 11.29 -8.95 1.93
N GLY B 65 11.63 -8.94 3.21
CA GLY B 65 11.37 -10.07 4.08
C GLY B 65 9.86 -10.22 4.20
N ASN B 66 9.37 -11.46 4.03
CA ASN B 66 7.89 -11.72 4.07
C ASN B 66 7.34 -11.65 5.50
N ARG B 67 8.24 -11.34 6.44
CA ARG B 67 7.92 -11.11 7.85
C ARG B 67 7.09 -12.25 8.45
N ASP B 68 7.51 -13.47 8.16
CA ASP B 68 6.87 -14.67 8.70
C ASP B 68 7.04 -14.86 10.22
N GLU B 69 7.93 -14.07 10.82
CA GLU B 69 8.11 -14.11 12.28
C GLU B 69 6.95 -13.40 13.01
N LYS B 70 6.25 -12.55 12.27
CA LYS B 70 5.17 -11.72 12.80
C LYS B 70 3.79 -12.02 12.20
N TYR B 71 3.74 -12.25 10.89
CA TYR B 71 2.43 -12.34 10.20
C TYR B 71 2.16 -13.63 9.48
N ALA B 72 0.87 -13.97 9.47
CA ALA B 72 0.35 -15.15 8.77
C ALA B 72 0.76 -15.17 7.29
N GLN B 73 1.10 -16.37 6.83
CA GLN B 73 1.62 -16.63 5.46
C GLN B 73 0.63 -17.33 4.53
N ARG B 74 1.08 -17.71 3.33
CA ARG B 74 0.23 -18.47 2.39
C ARG B 74 -0.13 -19.85 2.91
N THR B 75 -1.24 -20.38 2.41
CA THR B 75 -1.58 -21.78 2.58
C THR B 75 -0.83 -22.60 1.53
N GLU B 76 -0.78 -23.92 1.73
CA GLU B 76 -0.19 -24.82 0.73
C GLU B 76 -1.01 -24.75 -0.56
N GLU B 77 -2.30 -24.53 -0.43
CA GLU B 77 -3.17 -24.36 -1.58
C GLU B 77 -2.79 -23.15 -2.40
N GLU B 78 -2.59 -22.05 -1.70
CA GLU B 78 -2.22 -20.77 -2.30
C GLU B 78 -0.86 -20.87 -2.92
N LYS B 79 0.03 -21.49 -2.16
CA LYS B 79 1.39 -21.74 -2.63
C LYS B 79 1.37 -22.50 -3.97
N ALA B 80 0.50 -23.51 -4.05
CA ALA B 80 0.37 -24.31 -5.28
C ALA B 80 -0.08 -23.46 -6.47
N LEU B 81 -1.02 -22.55 -6.23
CA LEU B 81 -1.49 -21.62 -7.30
C LEU B 81 -0.42 -20.64 -7.77
N ASP B 82 0.39 -20.15 -6.82
CA ASP B 82 1.51 -19.27 -7.15
C ASP B 82 2.52 -20.02 -8.02
N GLU B 83 2.79 -21.27 -7.65
CA GLU B 83 3.73 -22.12 -8.40
C GLU B 83 3.27 -22.34 -9.84
N GLN B 84 1.98 -22.59 -10.03
CA GLN B 84 1.42 -22.67 -11.38
C GLN B 84 1.60 -21.36 -12.18
N PHE B 85 1.35 -20.23 -11.53
CA PHE B 85 1.58 -18.92 -12.18
C PHE B 85 3.05 -18.75 -12.60
N PHE B 86 3.94 -19.13 -11.69
CA PHE B 86 5.37 -19.07 -11.99
CA PHE B 86 5.36 -19.10 -11.95
C PHE B 86 5.78 -19.92 -13.18
N GLU B 87 5.19 -21.10 -13.31
CA GLU B 87 5.50 -21.95 -14.48
C GLU B 87 5.05 -21.29 -15.76
N TYR B 88 3.89 -20.66 -15.71
CA TYR B 88 3.34 -19.93 -16.86
C TYR B 88 4.16 -18.71 -17.23
N LEU B 89 4.70 -18.04 -16.20
CA LEU B 89 5.55 -16.88 -16.43
C LEU B 89 6.90 -17.31 -17.03
N LYS B 90 7.44 -18.42 -16.50
CA LYS B 90 8.65 -19.05 -17.07
C LYS B 90 8.43 -19.34 -18.56
N ASP B 91 7.27 -19.91 -18.89
CA ASP B 91 6.93 -20.20 -20.30
C ASP B 91 6.83 -18.94 -21.16
N ALA B 92 6.28 -17.88 -20.56
CA ALA B 92 6.21 -16.60 -21.28
C ALA B 92 7.61 -16.07 -21.59
N PHE B 93 8.48 -16.14 -20.60
CA PHE B 93 9.88 -15.73 -20.80
C PHE B 93 10.60 -16.56 -21.86
N GLU B 94 10.33 -17.87 -21.85
CA GLU B 94 10.90 -18.78 -22.85
C GLU B 94 10.43 -18.38 -24.25
N LEU B 95 9.13 -18.13 -24.40
CA LEU B 95 8.62 -17.67 -25.70
C LEU B 95 9.20 -16.31 -26.09
N CYS B 96 9.33 -15.44 -25.10
CA CYS B 96 9.89 -14.11 -25.32
CA CYS B 96 9.90 -14.10 -25.31
C CYS B 96 11.31 -14.18 -25.88
N LYS B 97 12.09 -15.11 -25.34
CA LYS B 97 13.50 -15.29 -25.72
C LYS B 97 13.69 -15.68 -27.17
N THR B 98 12.68 -16.33 -27.77
CA THR B 98 12.71 -16.66 -29.22
C THR B 98 12.56 -15.43 -30.12
N THR B 99 12.07 -14.34 -29.52
CA THR B 99 11.67 -13.15 -30.27
C THR B 99 12.45 -11.87 -29.94
N PHE B 100 12.79 -11.71 -28.67
CA PHE B 100 13.45 -10.52 -28.17
C PHE B 100 14.64 -10.89 -27.34
N PRO B 101 15.67 -10.03 -27.32
CA PRO B 101 16.66 -10.22 -26.27
C PRO B 101 15.98 -10.18 -24.90
N THR B 102 16.24 -11.24 -24.14
CA THR B 102 15.57 -11.51 -22.87
C THR B 102 16.62 -11.94 -21.83
N PHE B 103 16.65 -11.25 -20.70
CA PHE B 103 17.66 -11.45 -19.65
C PHE B 103 17.06 -11.68 -18.28
N THR B 104 17.53 -12.75 -17.65
CA THR B 104 17.45 -12.92 -16.22
C THR B 104 18.86 -13.22 -15.73
N ILE B 105 19.19 -12.67 -14.58
CA ILE B 105 20.46 -12.93 -13.92
C ILE B 105 20.13 -13.25 -12.49
N ARG B 106 20.31 -14.51 -12.11
CA ARG B 106 20.00 -14.98 -10.77
C ARG B 106 20.70 -14.11 -9.74
N GLY B 107 19.91 -13.59 -8.81
CA GLY B 107 20.45 -12.73 -7.76
C GLY B 107 20.53 -11.25 -8.09
N VAL B 108 20.07 -10.85 -9.27
CA VAL B 108 20.06 -9.44 -9.66
C VAL B 108 18.63 -9.03 -9.99
N GLU B 109 18.15 -7.93 -9.40
CA GLU B 109 16.85 -7.37 -9.75
C GLU B 109 16.81 -6.77 -11.13
N ALA B 110 15.66 -6.89 -11.79
CA ALA B 110 15.46 -6.24 -13.05
C ALA B 110 15.82 -4.74 -12.99
N ASP B 111 15.52 -4.12 -11.86
CA ASP B 111 15.79 -2.69 -11.62
C ASP B 111 17.24 -2.33 -11.99
N ASP B 112 18.16 -3.17 -11.52
CA ASP B 112 19.59 -2.92 -11.70
C ASP B 112 20.01 -3.18 -13.13
N MET B 113 19.46 -4.22 -13.74
CA MET B 113 19.76 -4.49 -15.14
C MET B 113 19.29 -3.34 -16.03
N ALA B 114 18.08 -2.83 -15.75
CA ALA B 114 17.53 -1.71 -16.54
C ALA B 114 18.41 -0.44 -16.41
N ALA B 115 18.81 -0.13 -15.18
CA ALA B 115 19.65 1.03 -14.93
C ALA B 115 20.97 0.94 -15.73
N TYR B 116 21.55 -0.27 -15.70
CA TYR B 116 22.84 -0.50 -16.33
C TYR B 116 22.74 -0.48 -17.86
N ILE B 117 21.66 -1.08 -18.39
CA ILE B 117 21.43 -0.99 -19.82
C ILE B 117 21.32 0.46 -20.29
N VAL B 118 20.53 1.25 -19.56
CA VAL B 118 20.40 2.67 -19.93
C VAL B 118 21.79 3.36 -19.92
N LYS B 119 22.53 3.13 -18.84
CA LYS B 119 23.91 3.64 -18.69
C LYS B 119 24.79 3.28 -19.88
N LEU B 120 24.74 2.02 -20.35
CA LEU B 120 25.65 1.55 -21.41
C LEU B 120 25.26 2.00 -22.82
N ILE B 121 23.96 1.95 -23.13
CA ILE B 121 23.52 2.14 -24.51
C ILE B 121 22.41 3.15 -24.79
N GLY B 122 21.89 3.79 -23.74
CA GLY B 122 20.75 4.71 -23.90
C GLY B 122 21.00 5.80 -24.93
N HIS B 123 22.24 6.28 -24.93
CA HIS B 123 22.72 7.36 -25.82
C HIS B 123 22.74 7.02 -27.32
N LEU B 124 22.56 5.74 -27.66
CA LEU B 124 22.55 5.30 -29.05
C LEU B 124 21.17 5.33 -29.65
N TYR B 125 20.20 5.77 -28.87
CA TYR B 125 18.79 5.75 -29.26
C TYR B 125 18.21 7.14 -29.13
N ASP B 126 17.14 7.41 -29.88
CA ASP B 126 16.48 8.71 -29.82
C ASP B 126 15.84 8.96 -28.45
N HIS B 127 15.17 7.93 -27.94
CA HIS B 127 14.52 7.94 -26.63
C HIS B 127 14.54 6.51 -26.06
N VAL B 128 14.47 6.42 -24.74
CA VAL B 128 14.37 5.16 -24.02
C VAL B 128 13.01 5.10 -23.34
N TRP B 129 12.26 4.05 -23.64
CA TRP B 129 10.98 3.80 -23.02
C TRP B 129 11.08 2.61 -22.09
N LEU B 130 10.82 2.85 -20.81
CA LEU B 130 10.77 1.85 -19.77
C LEU B 130 9.33 1.39 -19.58
N ILE B 131 9.09 0.08 -19.69
CA ILE B 131 7.75 -0.47 -19.46
C ILE B 131 7.69 -1.11 -18.08
N SER B 132 7.18 -0.34 -17.12
CA SER B 132 7.05 -0.80 -15.74
C SER B 132 5.99 0.01 -15.02
N THR B 133 5.27 -0.66 -14.15
CA THR B 133 4.35 0.01 -13.25
C THR B 133 4.99 0.44 -11.93
N LYS B 134 6.27 0.13 -11.75
CA LYS B 134 7.00 0.52 -10.53
C LYS B 134 7.41 1.97 -10.56
N GLY B 135 6.93 2.74 -9.58
CA GLY B 135 7.45 4.10 -9.35
C GLY B 135 8.94 4.18 -9.07
N ASP B 136 9.50 3.11 -8.51
CA ASP B 136 10.95 3.00 -8.29
C ASP B 136 11.74 3.27 -9.57
N TRP B 137 11.20 2.85 -10.72
CA TRP B 137 11.89 3.05 -12.01
C TRP B 137 12.00 4.51 -12.44
N ASP B 138 11.28 5.40 -11.76
CA ASP B 138 11.38 6.83 -12.05
C ASP B 138 12.70 7.46 -11.55
N THR B 139 13.46 6.68 -10.80
CA THR B 139 14.87 7.05 -10.51
C THR B 139 15.74 7.03 -11.77
N LEU B 140 15.23 6.42 -12.84
CA LEU B 140 15.96 6.30 -14.11
C LEU B 140 15.57 7.38 -15.13
N LEU B 141 14.59 8.23 -14.82
CA LEU B 141 14.14 9.24 -15.77
C LEU B 141 15.24 10.25 -16.07
N THR B 142 15.30 10.66 -17.34
CA THR B 142 16.13 11.78 -17.81
C THR B 142 15.34 12.47 -18.91
N ASP B 143 15.88 13.51 -19.51
CA ASP B 143 15.19 14.13 -20.65
C ASP B 143 14.97 13.16 -21.83
N LYS B 144 15.76 12.10 -21.88
CA LYS B 144 15.70 11.07 -22.94
C LYS B 144 15.18 9.69 -22.49
N VAL B 145 14.76 9.55 -21.24
CA VAL B 145 14.29 8.27 -20.68
C VAL B 145 12.97 8.50 -19.97
N SER B 146 11.94 7.79 -20.42
CA SER B 146 10.57 7.91 -19.86
C SER B 146 10.01 6.52 -19.57
N ARG B 147 8.90 6.49 -18.86
CA ARG B 147 8.26 5.26 -18.39
C ARG B 147 6.81 5.22 -18.78
N PHE B 148 6.35 4.03 -19.17
CA PHE B 148 4.93 3.78 -19.41
C PHE B 148 4.43 2.73 -18.41
N SER B 149 3.33 3.06 -17.74
CA SER B 149 2.66 2.16 -16.77
C SER B 149 1.34 1.62 -17.27
N PHE B 150 1.24 0.29 -17.34
N PHE B 150 1.23 0.31 -17.34
CA PHE B 150 -0.06 -0.36 -17.72
CA PHE B 150 -0.06 -0.31 -17.67
C PHE B 150 -1.17 -0.19 -16.67
C PHE B 150 -1.17 -0.03 -16.67
N THR B 151 -0.82 0.03 -15.40
CA THR B 151 -1.85 0.25 -14.34
C THR B 151 -2.49 1.65 -14.41
N THR B 152 -1.68 2.68 -14.57
CA THR B 152 -2.21 4.04 -14.65
C THR B 152 -2.44 4.53 -16.07
N ARG B 153 -1.86 3.80 -17.02
CA ARG B 153 -1.85 4.19 -18.46
C ARG B 153 -1.15 5.54 -18.71
N ARG B 154 -0.35 5.96 -17.74
CA ARG B 154 0.37 7.21 -17.82
C ARG B 154 1.78 7.02 -18.38
N GLU B 155 2.23 8.08 -19.04
CA GLU B 155 3.61 8.26 -19.46
C GLU B 155 4.30 9.22 -18.49
N TYR B 156 5.42 8.78 -17.91
CA TYR B 156 6.16 9.53 -16.89
C TYR B 156 7.44 10.09 -17.49
N HIS B 157 7.51 11.42 -17.53
CA HIS B 157 8.69 12.15 -18.03
C HIS B 157 9.36 12.94 -16.92
N LEU B 158 10.66 13.14 -17.06
CA LEU B 158 11.44 13.87 -16.07
C LEU B 158 10.89 15.24 -15.74
N ARG B 159 10.46 15.96 -16.77
CA ARG B 159 10.01 17.34 -16.56
C ARG B 159 8.77 17.42 -15.66
N ASP B 160 8.04 16.31 -15.56
CA ASP B 160 6.85 16.19 -14.71
C ASP B 160 7.08 15.50 -13.35
N MET B 161 8.32 15.46 -12.92
CA MET B 161 8.67 14.79 -11.66
C MET B 161 7.84 15.32 -10.47
N TYR B 162 7.67 16.63 -10.39
CA TYR B 162 6.98 17.18 -9.25
C TYR B 162 5.49 16.77 -9.23
N GLU B 163 4.88 16.79 -10.40
CA GLU B 163 3.51 16.35 -10.58
C GLU B 163 3.37 14.91 -10.10
N HIS B 164 4.31 14.06 -10.53
CA HIS B 164 4.21 12.62 -10.22
C HIS B 164 4.63 12.20 -8.83
N HIS B 165 5.67 12.87 -8.32
CA HIS B 165 6.35 12.42 -7.10
C HIS B 165 6.56 13.50 -6.03
N ASN B 166 6.09 14.70 -6.30
CA ASN B 166 6.18 15.86 -5.36
C ASN B 166 7.63 16.14 -4.87
N VAL B 167 8.56 15.94 -5.79
CA VAL B 167 9.96 16.36 -5.67
C VAL B 167 10.40 16.95 -7.02
N ASP B 168 11.52 17.65 -7.02
CA ASP B 168 11.90 18.47 -8.18
C ASP B 168 12.59 17.66 -9.29
N ASP B 169 13.35 16.65 -8.89
CA ASP B 169 14.22 15.94 -9.83
C ASP B 169 14.55 14.55 -9.28
N VAL B 170 15.35 13.80 -10.03
CA VAL B 170 15.69 12.45 -9.64
C VAL B 170 16.52 12.39 -8.35
N GLU B 171 17.49 13.30 -8.19
CA GLU B 171 18.31 13.27 -6.98
C GLU B 171 17.41 13.41 -5.74
N GLN B 172 16.44 14.32 -5.80
CA GLN B 172 15.53 14.52 -4.68
C GLN B 172 14.61 13.31 -4.46
N PHE B 173 14.17 12.69 -5.57
CA PHE B 173 13.35 11.48 -5.47
C PHE B 173 14.10 10.36 -4.74
N ILE B 174 15.35 10.16 -5.15
CA ILE B 174 16.19 9.15 -4.52
C ILE B 174 16.36 9.47 -3.01
N SER B 175 16.72 10.73 -2.72
CA SER B 175 16.91 11.13 -1.31
C SER B 175 15.64 10.95 -0.46
N LEU B 176 14.48 11.29 -1.05
CA LEU B 176 13.21 11.20 -0.33
C LEU B 176 12.88 9.73 0.00
N LYS B 177 13.08 8.86 -1.00
CA LYS B 177 12.94 7.42 -0.81
C LYS B 177 13.83 6.87 0.29
N ALA B 178 15.07 7.37 0.33
CA ALA B 178 16.02 6.92 1.33
C ALA B 178 15.58 7.32 2.76
N ILE B 179 15.04 8.53 2.88
CA ILE B 179 14.59 9.02 4.18
C ILE B 179 13.30 8.30 4.63
N MET B 180 12.37 8.12 3.69
CA MET B 180 11.04 7.62 4.04
C MET B 180 11.01 6.12 4.23
N GLY B 181 11.93 5.42 3.56
CA GLY B 181 11.89 3.96 3.58
C GLY B 181 10.73 3.47 2.73
N ASP B 182 10.43 2.19 2.88
CA ASP B 182 9.37 1.56 2.10
C ASP B 182 8.84 0.37 2.90
N LEU B 183 7.63 0.54 3.39
CA LEU B 183 6.99 -0.48 4.27
C LEU B 183 6.81 -1.81 3.54
N GLY B 184 6.30 -1.73 2.32
CA GLY B 184 6.11 -2.95 1.48
C GLY B 184 7.38 -3.76 1.26
N ASP B 185 8.50 -3.07 1.08
CA ASP B 185 9.83 -3.71 0.90
C ASP B 185 10.60 -3.98 2.20
N ASN B 186 9.99 -3.68 3.35
CA ASN B 186 10.63 -3.88 4.66
C ASN B 186 11.89 -3.05 4.85
N ILE B 187 11.85 -1.83 4.31
CA ILE B 187 12.92 -0.85 4.47
C ILE B 187 12.43 0.20 5.45
N ARG B 188 12.99 0.19 6.66
CA ARG B 188 12.64 1.16 7.69
C ARG B 188 13.12 2.52 7.26
N GLY B 189 12.27 3.52 7.51
CA GLY B 189 12.60 4.93 7.28
C GLY B 189 12.66 5.71 8.57
N VAL B 190 12.91 7.00 8.46
CA VAL B 190 13.00 7.89 9.61
C VAL B 190 11.57 8.20 10.09
N GLU B 191 11.35 7.94 11.36
CA GLU B 191 10.03 8.10 11.96
C GLU B 191 9.64 9.57 11.91
N GLY B 192 8.40 9.83 11.50
CA GLY B 192 7.88 11.20 11.40
C GLY B 192 8.13 11.98 10.12
N ILE B 193 8.79 11.33 9.15
CA ILE B 193 9.09 12.01 7.91
C ILE B 193 8.40 11.36 6.73
N GLY B 194 7.39 12.05 6.23
CA GLY B 194 6.74 11.68 4.98
C GLY B 194 7.11 12.61 3.86
N ALA B 195 6.26 12.63 2.85
CA ALA B 195 6.56 13.33 1.60
C ALA B 195 6.75 14.85 1.77
N LYS B 196 5.86 15.47 2.52
CA LYS B 196 5.89 16.92 2.71
C LYS B 196 7.11 17.37 3.52
N ARG B 197 7.27 16.77 4.68
CA ARG B 197 8.42 17.12 5.55
C ARG B 197 9.73 16.77 4.87
N GLY B 198 9.76 15.60 4.25
CA GLY B 198 10.99 15.18 3.59
C GLY B 198 11.41 16.09 2.47
N TYR B 199 10.46 16.51 1.63
CA TYR B 199 10.75 17.47 0.55
C TYR B 199 11.31 18.81 1.10
N ASN B 200 10.67 19.31 2.14
CA ASN B 200 11.11 20.55 2.79
C ASN B 200 12.50 20.44 3.40
N ILE B 201 12.79 19.31 4.01
CA ILE B 201 14.14 19.03 4.53
C ILE B 201 15.15 19.00 3.39
N ILE B 202 14.83 18.26 2.32
CA ILE B 202 15.74 18.19 1.17
C ILE B 202 15.96 19.54 0.51
N ARG B 203 14.90 20.33 0.41
CA ARG B 203 14.99 21.66 -0.21
C ARG B 203 15.92 22.57 0.59
N GLU B 204 15.82 22.48 1.91
CA GLU B 204 16.63 23.33 2.79
C GLU B 204 18.07 22.86 2.92
N PHE B 205 18.24 21.56 3.10
CA PHE B 205 19.56 21.05 3.51
C PHE B 205 20.33 20.26 2.46
N GLY B 206 19.63 19.86 1.40
CA GLY B 206 20.21 19.09 0.30
C GLY B 206 19.87 17.61 0.28
N ASN B 207 20.63 16.87 -0.52
CA ASN B 207 20.47 15.42 -0.68
C ASN B 207 20.88 14.67 0.58
N VAL B 208 20.63 13.36 0.62
CA VAL B 208 21.00 12.56 1.80
C VAL B 208 22.45 12.71 2.29
N LEU B 209 23.41 12.71 1.38
CA LEU B 209 24.81 12.82 1.79
C LEU B 209 25.08 14.21 2.38
N ASP B 210 24.47 15.22 1.76
CA ASP B 210 24.50 16.61 2.28
C ASP B 210 23.94 16.70 3.68
N ILE B 211 22.82 16.03 3.90
CA ILE B 211 22.18 15.98 5.20
C ILE B 211 23.09 15.33 6.25
N ILE B 212 23.68 14.19 5.89
CA ILE B 212 24.58 13.47 6.81
C ILE B 212 25.74 14.40 7.22
N ASP B 213 26.29 15.14 6.25
CA ASP B 213 27.42 16.10 6.50
C ASP B 213 27.05 17.11 7.57
N GLN B 214 25.78 17.46 7.64
CA GLN B 214 25.23 18.51 8.53
C GLN B 214 24.64 18.04 9.85
N LEU B 215 24.58 16.74 10.10
CA LEU B 215 23.98 16.24 11.34
C LEU B 215 24.88 16.62 12.52
N PRO B 216 24.33 17.00 13.67
CA PRO B 216 22.90 17.17 13.92
C PRO B 216 22.34 18.47 13.33
N LEU B 217 21.19 18.37 12.70
CA LEU B 217 20.48 19.55 12.22
C LEU B 217 19.82 20.26 13.39
N PRO B 218 19.65 21.59 13.27
CA PRO B 218 18.92 22.31 14.29
C PRO B 218 17.42 22.06 14.13
N GLY B 219 16.70 22.36 15.17
CA GLY B 219 15.25 22.32 15.15
C GLY B 219 14.68 21.57 16.34
N LYS B 220 13.57 22.09 16.86
CA LYS B 220 12.86 21.51 17.99
C LYS B 220 12.05 20.26 17.67
N GLN B 221 11.87 19.97 16.39
CA GLN B 221 10.93 18.94 15.96
C GLN B 221 11.44 17.55 16.29
N LYS B 222 10.58 16.71 16.84
CA LYS B 222 10.96 15.30 17.16
C LYS B 222 11.46 14.59 15.90
N TYR B 223 10.83 14.84 14.76
CA TYR B 223 11.25 14.15 13.52
C TYR B 223 12.67 14.56 13.10
N ILE B 224 13.09 15.79 13.43
CA ILE B 224 14.49 16.18 13.22
C ILE B 224 15.44 15.45 14.19
N GLN B 225 15.05 15.27 15.44
CA GLN B 225 15.82 14.40 16.35
C GLN B 225 15.97 13.00 15.76
N ASN B 226 14.89 12.51 15.17
CA ASN B 226 14.93 11.17 14.58
C ASN B 226 15.91 11.14 13.42
N LEU B 227 15.83 12.15 12.58
CA LEU B 227 16.78 12.28 11.45
C LEU B 227 18.22 12.35 11.96
N ASN B 228 18.44 13.13 13.01
CA ASN B 228 19.80 13.24 13.61
C ASN B 228 20.39 11.94 14.12
N ALA B 229 19.52 11.01 14.53
CA ALA B 229 19.92 9.70 15.02
C ALA B 229 19.99 8.64 13.93
N SER B 230 19.83 9.04 12.68
CA SER B 230 19.66 8.10 11.57
C SER B 230 20.76 8.05 10.52
N GLU B 231 21.97 8.47 10.88
CA GLU B 231 23.08 8.46 9.90
C GLU B 231 23.23 7.09 9.18
N GLU B 232 23.30 6.05 9.99
CA GLU B 232 23.58 4.69 9.45
C GLU B 232 22.44 4.24 8.53
N LEU B 233 21.22 4.48 8.99
CA LEU B 233 20.01 4.15 8.20
C LEU B 233 19.96 4.91 6.86
N LEU B 234 20.28 6.20 6.89
CA LEU B 234 20.34 7.01 5.69
C LEU B 234 21.37 6.51 4.67
N PHE B 235 22.58 6.24 5.15
CA PHE B 235 23.68 5.72 4.28
C PHE B 235 23.20 4.41 3.61
N ARG B 236 22.63 3.53 4.45
CA ARG B 236 22.19 2.19 4.00
C ARG B 236 21.06 2.31 3.01
N ASN B 237 20.06 3.10 3.36
CA ASN B 237 18.90 3.25 2.47
C ASN B 237 19.24 3.86 1.13
N LEU B 238 20.18 4.81 1.11
CA LEU B 238 20.63 5.39 -0.16
C LEU B 238 21.21 4.30 -1.10
N ILE B 239 21.98 3.38 -0.52
CA ILE B 239 22.54 2.24 -1.27
C ILE B 239 21.39 1.38 -1.85
N LEU B 240 20.34 1.18 -1.06
CA LEU B 240 19.20 0.35 -1.48
C LEU B 240 18.37 0.95 -2.59
N VAL B 241 18.30 2.29 -2.65
CA VAL B 241 17.35 2.97 -3.55
C VAL B 241 17.94 3.77 -4.74
N ASP B 242 19.22 4.11 -4.66
CA ASP B 242 19.88 4.89 -5.70
C ASP B 242 20.29 3.98 -6.87
N LEU B 243 19.33 3.67 -7.70
CA LEU B 243 19.51 2.67 -8.77
C LEU B 243 20.63 3.08 -9.73
N PRO B 244 20.64 4.34 -10.21
CA PRO B 244 21.72 4.69 -11.16
C PRO B 244 23.12 4.61 -10.57
N THR B 245 23.27 5.00 -9.31
CA THR B 245 24.63 5.01 -8.72
C THR B 245 25.16 3.60 -8.52
N TYR B 246 24.29 2.69 -8.04
CA TYR B 246 24.74 1.38 -7.57
C TYR B 246 24.51 0.21 -8.53
N CYS B 247 24.01 0.50 -9.74
CA CYS B 247 23.62 -0.58 -10.65
C CYS B 247 24.77 -1.48 -11.04
N VAL B 248 25.97 -0.91 -11.25
CA VAL B 248 27.13 -1.74 -11.62
C VAL B 248 27.49 -2.62 -10.43
N ASP B 249 27.54 -2.02 -9.23
CA ASP B 249 27.80 -2.77 -8.00
C ASP B 249 26.80 -3.90 -7.76
N ALA B 250 25.55 -3.63 -8.09
CA ALA B 250 24.49 -4.59 -7.85
C ALA B 250 24.64 -5.84 -8.74
N ILE B 251 25.12 -5.62 -9.96
CA ILE B 251 25.36 -6.73 -10.89
C ILE B 251 26.63 -7.46 -10.47
N ALA B 252 27.67 -6.68 -10.20
CA ALA B 252 28.96 -7.22 -9.79
C ALA B 252 28.85 -8.09 -8.54
N ALA B 253 27.83 -7.84 -7.73
CA ALA B 253 27.62 -8.59 -6.48
C ALA B 253 27.44 -10.08 -6.71
N VAL B 254 26.90 -10.46 -7.86
CA VAL B 254 26.77 -11.88 -8.20
C VAL B 254 27.94 -12.44 -8.98
N GLY B 255 28.87 -11.58 -9.34
CA GLY B 255 30.11 -12.02 -9.97
C GLY B 255 30.62 -11.15 -11.08
N GLN B 256 31.92 -10.93 -11.08
CA GLN B 256 32.54 -10.07 -12.10
C GLN B 256 32.37 -10.69 -13.50
N ASP B 257 32.46 -12.03 -13.59
CA ASP B 257 32.31 -12.67 -14.90
C ASP B 257 30.89 -12.48 -15.46
N VAL B 258 29.91 -12.51 -14.57
CA VAL B 258 28.53 -12.18 -14.94
C VAL B 258 28.43 -10.79 -15.52
N LEU B 259 29.01 -9.84 -14.79
CA LEU B 259 29.00 -8.46 -15.21
C LEU B 259 29.65 -8.31 -16.57
N ASP B 260 30.82 -8.94 -16.73
CA ASP B 260 31.57 -8.81 -18.00
C ASP B 260 30.76 -9.37 -19.18
N LYS B 261 30.12 -10.52 -18.96
CA LYS B 261 29.29 -11.12 -20.02
C LYS B 261 28.07 -10.28 -20.35
N PHE B 262 27.42 -9.73 -19.32
CA PHE B 262 26.23 -8.91 -19.54
C PHE B 262 26.61 -7.65 -20.32
N THR B 263 27.71 -7.01 -19.92
CA THR B 263 28.17 -5.81 -20.64
C THR B 263 28.41 -6.12 -22.14
N LYS B 264 29.13 -7.20 -22.40
CA LYS B 264 29.36 -7.68 -23.78
C LYS B 264 28.06 -7.87 -24.58
N ASP B 265 27.12 -8.56 -23.95
CA ASP B 265 25.86 -8.91 -24.60
C ASP B 265 25.05 -7.67 -24.93
N ILE B 266 24.99 -6.74 -23.98
CA ILE B 266 24.23 -5.49 -24.17
C ILE B 266 24.85 -4.60 -25.26
N LEU B 267 26.17 -4.49 -25.25
CA LEU B 267 26.85 -3.69 -26.29
C LEU B 267 26.62 -4.29 -27.68
N GLU B 268 26.65 -5.62 -27.76
CA GLU B 268 26.44 -6.34 -29.04
C GLU B 268 25.01 -6.11 -29.56
N ILE B 269 24.05 -6.10 -28.65
CA ILE B 269 22.63 -5.87 -29.02
C ILE B 269 22.45 -4.51 -29.70
N ALA B 270 23.11 -3.50 -29.15
CA ALA B 270 22.99 -2.11 -29.61
C ALA B 270 23.53 -1.86 -31.01
N GLU B 271 24.42 -2.74 -31.43
CA GLU B 271 25.00 -2.71 -32.76
C GLU B 271 24.18 -3.60 -33.69
#